data_7FAW
#
_entry.id   7FAW
#
_cell.length_a   32.014
_cell.length_b   91.568
_cell.length_c   118.068
_cell.angle_alpha   90.000
_cell.angle_beta   90.000
_cell.angle_gamma   90.000
#
_symmetry.space_group_name_H-M   'P 21 21 21'
#
loop_
_entity.id
_entity.type
_entity.pdbx_description
1 polymer 'Transcription elongation factor S-II'
2 water water
#
_entity_poly.entity_id   1
_entity_poly.type   'polypeptide(L)'
_entity_poly.pdbx_seq_one_letter_code
;MDSKEVLVHVKNLEKNKSNDAAVLEILHVLDKEFVPTEKLLRETKVGVEVNKFKKSTNVEISKLVKKMISSWKAQLNLEN
LYFQG
;
_entity_poly.pdbx_strand_id   A,B,C
#
# COMPACT_ATOMS: atom_id res chain seq x y z
N MET A 1 4.21 -19.99 -1.81
CA MET A 1 3.93 -19.27 -0.57
C MET A 1 3.45 -20.22 0.52
N ASP A 2 4.10 -20.18 1.68
CA ASP A 2 3.74 -21.07 2.78
C ASP A 2 2.82 -20.36 3.77
N SER A 3 2.31 -21.14 4.72
CA SER A 3 1.20 -20.68 5.56
C SER A 3 1.56 -19.46 6.39
N LYS A 4 2.80 -19.39 6.90
CA LYS A 4 3.19 -18.29 7.76
C LYS A 4 3.10 -16.94 7.04
N GLU A 5 3.61 -16.88 5.80
CA GLU A 5 3.55 -15.64 5.04
C GLU A 5 2.11 -15.29 4.68
N VAL A 6 1.30 -16.32 4.39
CA VAL A 6 -0.11 -16.09 4.08
C VAL A 6 -0.80 -15.35 5.21
N LEU A 7 -0.53 -15.76 6.45
CA LEU A 7 -1.19 -15.13 7.59
C LEU A 7 -0.75 -13.68 7.78
N VAL A 8 0.46 -13.33 7.33
CA VAL A 8 0.89 -11.93 7.39
C VAL A 8 0.10 -11.10 6.39
N HIS A 9 -0.06 -11.60 5.15
CA HIS A 9 -0.83 -10.88 4.15
C HIS A 9 -2.28 -10.72 4.59
N VAL A 10 -2.84 -11.75 5.25
CA VAL A 10 -4.22 -11.68 5.71
C VAL A 10 -4.39 -10.56 6.73
N LYS A 11 -3.46 -10.48 7.69
CA LYS A 11 -3.50 -9.40 8.67
C LYS A 11 -3.25 -8.05 8.01
N ASN A 12 -2.38 -8.01 7.00
CA ASN A 12 -2.12 -6.77 6.28
C ASN A 12 -3.34 -6.29 5.49
N LEU A 13 -4.20 -7.21 5.04
CA LEU A 13 -5.42 -6.80 4.37
C LEU A 13 -6.30 -5.99 5.31
N GLU A 14 -6.47 -6.47 6.54
CA GLU A 14 -7.27 -5.75 7.52
C GLU A 14 -6.65 -4.40 7.85
N LYS A 15 -5.33 -4.35 8.01
CA LYS A 15 -4.66 -3.14 8.47
C LYS A 15 -4.48 -2.10 7.37
N ASN A 16 -4.69 -2.45 6.11
CA ASN A 16 -4.53 -1.53 4.99
C ASN A 16 -5.83 -1.39 4.19
N LYS A 17 -6.95 -1.79 4.78
CA LYS A 17 -8.23 -1.81 4.06
C LYS A 17 -8.59 -0.44 3.50
N SER A 18 -8.26 0.63 4.21
CA SER A 18 -8.61 1.98 3.77
C SER A 18 -7.68 2.51 2.70
N ASN A 19 -6.65 1.77 2.33
CA ASN A 19 -5.63 2.21 1.36
C ASN A 19 -5.80 1.34 0.10
N ASP A 20 -6.51 1.86 -0.90
CA ASP A 20 -6.88 1.06 -2.06
C ASP A 20 -5.67 0.48 -2.77
N ALA A 21 -4.66 1.32 -3.03
CA ALA A 21 -3.46 0.85 -3.72
C ALA A 21 -2.74 -0.23 -2.92
N ALA A 22 -2.67 -0.07 -1.60
CA ALA A 22 -2.01 -1.07 -0.76
C ALA A 22 -2.75 -2.41 -0.80
N VAL A 23 -4.08 -2.37 -0.76
CA VAL A 23 -4.86 -3.59 -0.86
C VAL A 23 -4.62 -4.27 -2.20
N LEU A 24 -4.53 -3.48 -3.28
CA LEU A 24 -4.22 -4.06 -4.58
C LEU A 24 -2.86 -4.75 -4.57
N GLU A 25 -1.89 -4.21 -3.81
CA GLU A 25 -0.56 -4.82 -3.78
C GLU A 25 -0.59 -6.14 -3.03
N ILE A 26 -1.35 -6.22 -1.93
CA ILE A 26 -1.48 -7.47 -1.19
C ILE A 26 -2.20 -8.51 -2.04
N LEU A 27 -3.29 -8.11 -2.70
CA LEU A 27 -4.05 -9.05 -3.52
C LEU A 27 -3.21 -9.55 -4.69
N HIS A 28 -2.38 -8.69 -5.27
CA HIS A 28 -1.54 -9.10 -6.40
C HIS A 28 -0.52 -10.16 -5.97
N VAL A 29 0.01 -10.05 -4.75
CA VAL A 29 0.96 -11.06 -4.27
C VAL A 29 0.26 -12.40 -4.09
N LEU A 30 -0.93 -12.38 -3.49
CA LEU A 30 -1.69 -13.61 -3.30
C LEU A 30 -2.12 -14.20 -4.64
N ASP A 31 -2.50 -13.35 -5.59
CA ASP A 31 -2.95 -13.84 -6.89
C ASP A 31 -1.82 -14.55 -7.63
N LYS A 32 -0.61 -13.99 -7.58
CA LYS A 32 0.50 -14.51 -8.37
C LYS A 32 1.28 -15.62 -7.68
N GLU A 33 1.35 -15.62 -6.35
CA GLU A 33 2.25 -16.51 -5.65
C GLU A 33 1.59 -17.47 -4.67
N PHE A 34 0.31 -17.28 -4.35
CA PHE A 34 -0.36 -18.21 -3.44
C PHE A 34 -1.00 -19.32 -4.24
N VAL A 35 -0.72 -20.56 -3.85
CA VAL A 35 -1.32 -21.74 -4.46
C VAL A 35 -2.39 -22.25 -3.52
N PRO A 36 -3.66 -22.23 -3.91
CA PRO A 36 -4.72 -22.67 -2.99
C PRO A 36 -4.64 -24.18 -2.80
N THR A 37 -4.60 -24.59 -1.54
CA THR A 37 -4.81 -25.98 -1.17
C THR A 37 -5.88 -25.98 -0.10
N GLU A 38 -6.56 -27.11 0.02
CA GLU A 38 -7.59 -27.24 1.05
C GLU A 38 -7.01 -26.93 2.43
N LYS A 39 -5.79 -27.36 2.66
CA LYS A 39 -5.19 -27.15 3.99
C LYS A 39 -4.86 -25.67 4.20
N LEU A 40 -4.28 -25.05 3.20
CA LEU A 40 -3.95 -23.63 3.34
C LEU A 40 -5.20 -22.79 3.49
N LEU A 41 -6.24 -23.08 2.70
CA LEU A 41 -7.48 -22.32 2.80
C LEU A 41 -8.17 -22.55 4.14
N ARG A 42 -8.09 -23.77 4.67
CA ARG A 42 -8.72 -24.04 5.96
C ARG A 42 -7.93 -23.43 7.11
N GLU A 43 -6.60 -23.53 7.05
CA GLU A 43 -5.77 -23.12 8.18
C GLU A 43 -5.59 -21.61 8.26
N THR A 44 -5.53 -20.93 7.11
CA THR A 44 -5.23 -19.52 7.08
C THR A 44 -6.44 -18.64 6.80
N LYS A 45 -7.52 -19.21 6.27
CA LYS A 45 -8.75 -18.48 5.97
C LYS A 45 -8.55 -17.34 4.97
N VAL A 46 -7.63 -17.49 4.02
CA VAL A 46 -7.43 -16.43 3.03
C VAL A 46 -8.68 -16.28 2.17
N GLY A 47 -9.32 -17.40 1.86
CA GLY A 47 -10.56 -17.34 1.09
C GLY A 47 -11.60 -16.46 1.74
N VAL A 48 -11.81 -16.62 3.05
CA VAL A 48 -12.78 -15.79 3.75
C VAL A 48 -12.34 -14.34 3.75
N GLU A 49 -11.05 -14.09 4.02
CA GLU A 49 -10.57 -12.71 4.12
C GLU A 49 -10.59 -12.01 2.76
N VAL A 50 -10.06 -12.66 1.72
CA VAL A 50 -10.04 -12.03 0.40
C VAL A 50 -11.46 -11.85 -0.11
N ASN A 51 -12.33 -12.83 0.14
CA ASN A 51 -13.71 -12.76 -0.33
C ASN A 51 -14.46 -11.57 0.27
N LYS A 52 -14.04 -11.13 1.47
CA LYS A 52 -14.66 -9.97 2.10
C LYS A 52 -14.51 -8.69 1.28
N PHE A 53 -13.57 -8.66 0.33
CA PHE A 53 -13.33 -7.47 -0.47
C PHE A 53 -14.15 -7.47 -1.77
N LYS A 54 -15.07 -8.42 -1.92
CA LYS A 54 -15.93 -8.40 -3.09
C LYS A 54 -16.87 -7.21 -3.05
N LYS A 55 -17.21 -6.74 -1.85
CA LYS A 55 -18.10 -5.61 -1.65
C LYS A 55 -17.37 -4.26 -1.62
N SER A 56 -16.11 -4.22 -2.05
CA SER A 56 -15.33 -3.00 -1.95
C SER A 56 -15.87 -1.94 -2.90
N THR A 57 -15.78 -0.67 -2.48
CA THR A 57 -16.21 0.42 -3.36
C THR A 57 -15.26 0.59 -4.55
N ASN A 58 -14.02 0.11 -4.44
CA ASN A 58 -13.07 0.16 -5.54
C ASN A 58 -13.39 -0.95 -6.55
N VAL A 59 -13.66 -0.54 -7.79
CA VAL A 59 -14.07 -1.48 -8.83
C VAL A 59 -12.94 -2.44 -9.18
N GLU A 60 -11.70 -1.94 -9.27
CA GLU A 60 -10.59 -2.81 -9.65
C GLU A 60 -10.34 -3.86 -8.58
N ILE A 61 -10.48 -3.49 -7.31
CA ILE A 61 -10.33 -4.47 -6.22
C ILE A 61 -11.42 -5.53 -6.31
N SER A 62 -12.66 -5.09 -6.54
CA SER A 62 -13.79 -6.02 -6.50
C SER A 62 -13.73 -7.01 -7.67
N LYS A 63 -13.25 -6.57 -8.83
CA LYS A 63 -13.11 -7.48 -9.97
C LYS A 63 -11.96 -8.45 -9.77
N LEU A 64 -10.85 -7.98 -9.20
CA LEU A 64 -9.72 -8.86 -8.95
C LEU A 64 -10.07 -9.91 -7.90
N VAL A 65 -10.82 -9.51 -6.87
CA VAL A 65 -11.24 -10.45 -5.83
C VAL A 65 -12.12 -11.54 -6.42
N LYS A 66 -13.05 -11.15 -7.30
CA LYS A 66 -13.93 -12.15 -7.91
C LYS A 66 -13.16 -13.12 -8.79
N LYS A 67 -12.14 -12.63 -9.49
CA LYS A 67 -11.33 -13.54 -10.30
C LYS A 67 -10.50 -14.47 -9.43
N MET A 68 -9.98 -13.94 -8.31
CA MET A 68 -9.18 -14.75 -7.41
C MET A 68 -10.02 -15.81 -6.71
N ILE A 69 -11.19 -15.41 -6.24
CA ILE A 69 -12.05 -16.37 -5.51
C ILE A 69 -12.52 -17.46 -6.47
N SER A 70 -12.83 -17.11 -7.71
CA SER A 70 -13.30 -18.10 -8.70
C SER A 70 -12.23 -19.13 -8.96
N SER A 71 -11.02 -18.68 -9.13
CA SER A 71 -9.86 -19.54 -9.38
C SER A 71 -9.62 -20.44 -8.19
N TRP A 72 -9.66 -19.91 -6.97
CA TRP A 72 -9.39 -20.74 -5.79
C TRP A 72 -10.48 -21.78 -5.60
N LYS A 73 -11.71 -21.47 -5.94
CA LYS A 73 -12.82 -22.44 -5.81
C LYS A 73 -12.62 -23.54 -6.84
N ALA A 74 -12.33 -23.16 -8.06
CA ALA A 74 -12.16 -24.17 -9.10
C ALA A 74 -11.00 -25.10 -8.78
N GLN A 75 -9.88 -24.55 -8.31
CA GLN A 75 -8.74 -25.39 -7.94
C GLN A 75 -9.06 -26.28 -6.75
N LEU A 76 -9.81 -25.74 -5.77
CA LEU A 76 -10.21 -26.54 -4.62
C LEU A 76 -11.12 -27.69 -5.02
N ASN A 77 -12.03 -27.44 -5.98
CA ASN A 77 -12.88 -28.51 -6.49
C ASN A 77 -12.04 -29.61 -7.14
N LEU A 78 -11.12 -29.22 -8.02
CA LEU A 78 -10.27 -30.21 -8.69
C LEU A 78 -9.47 -31.02 -7.69
N GLU A 79 -8.94 -30.37 -6.65
CA GLU A 79 -8.21 -31.10 -5.62
C GLU A 79 -9.10 -32.09 -4.90
N ASN A 80 -10.36 -31.70 -4.62
CA ASN A 80 -11.25 -32.58 -3.87
C ASN A 80 -11.74 -33.74 -4.72
N LEU A 81 -11.94 -33.50 -6.02
CA LEU A 81 -12.47 -34.56 -6.89
C LEU A 81 -11.39 -35.60 -7.22
N TYR A 82 -10.20 -35.13 -7.48
CA TYR A 82 -9.22 -36.02 -8.09
C TYR A 82 -8.00 -36.23 -7.24
N PHE A 83 -7.84 -35.54 -6.13
CA PHE A 83 -6.57 -35.72 -5.40
C PHE A 83 -6.80 -36.01 -3.93
N GLN A 84 -8.00 -35.84 -3.41
CA GLN A 84 -8.23 -36.10 -1.98
C GLN A 84 -9.21 -37.26 -1.86
N MET B 1 -0.83 7.19 -16.90
CA MET B 1 -0.92 6.97 -15.42
C MET B 1 -2.07 6.02 -15.14
N ASP B 2 -1.80 4.89 -14.49
CA ASP B 2 -2.92 3.96 -14.26
C ASP B 2 -3.58 4.21 -12.91
N SER B 3 -4.75 3.63 -12.74
CA SER B 3 -5.61 3.80 -11.55
C SER B 3 -4.84 3.61 -10.25
N LYS B 4 -4.04 2.56 -10.14
CA LYS B 4 -3.28 2.27 -8.91
C LYS B 4 -2.31 3.41 -8.57
N GLU B 5 -1.58 3.96 -9.52
CA GLU B 5 -0.62 5.05 -9.25
C GLU B 5 -1.35 6.31 -8.81
N VAL B 6 -2.53 6.59 -9.38
CA VAL B 6 -3.37 7.74 -9.00
C VAL B 6 -3.79 7.54 -7.54
N LEU B 7 -4.22 6.34 -7.20
CA LEU B 7 -4.66 6.03 -5.84
C LEU B 7 -3.50 6.27 -4.87
N VAL B 8 -2.29 6.03 -5.31
CA VAL B 8 -1.13 6.30 -4.47
C VAL B 8 -0.98 7.81 -4.27
N HIS B 9 -1.06 8.57 -5.37
CA HIS B 9 -0.95 10.02 -5.28
C HIS B 9 -2.07 10.61 -4.42
N VAL B 10 -3.26 10.04 -4.52
CA VAL B 10 -4.42 10.56 -3.73
C VAL B 10 -4.17 10.35 -2.25
N LYS B 11 -3.71 9.16 -1.89
CA LYS B 11 -3.41 8.81 -0.51
C LYS B 11 -2.24 9.66 0.01
N ASN B 12 -1.28 9.97 -0.85
CA ASN B 12 -0.13 10.82 -0.52
C ASN B 12 -0.58 12.26 -0.26
N LEU B 13 -1.61 12.72 -0.95
CA LEU B 13 -2.11 14.10 -0.74
C LEU B 13 -2.66 14.21 0.68
N GLU B 14 -3.34 13.18 1.14
CA GLU B 14 -3.95 13.16 2.48
C GLU B 14 -2.86 13.09 3.55
N LYS B 15 -1.82 12.28 3.34
CA LYS B 15 -0.76 12.04 4.33
C LYS B 15 0.20 13.22 4.36
N ASN B 16 0.28 13.99 3.29
CA ASN B 16 1.26 15.08 3.30
C ASN B 16 0.58 16.42 3.12
N LYS B 17 -0.65 16.59 3.57
CA LYS B 17 -1.35 17.88 3.29
C LYS B 17 -0.79 19.09 4.05
N SER B 18 -0.06 18.89 5.13
CA SER B 18 0.51 19.99 5.92
C SER B 18 1.85 20.41 5.34
N ASN B 19 2.40 19.61 4.44
CA ASN B 19 3.72 19.82 3.83
C ASN B 19 3.52 20.36 2.41
N ASP B 20 3.64 21.67 2.28
CA ASP B 20 3.36 22.34 1.01
C ASP B 20 4.26 21.83 -0.11
N ALA B 21 5.56 21.69 0.17
CA ALA B 21 6.49 21.23 -0.85
C ALA B 21 6.11 19.83 -1.35
N ALA B 22 5.71 18.95 -0.44
CA ALA B 22 5.30 17.62 -0.87
C ALA B 22 4.01 17.67 -1.68
N VAL B 23 3.05 18.52 -1.27
CA VAL B 23 1.76 18.63 -1.97
C VAL B 23 1.93 19.18 -3.38
N LEU B 24 2.84 20.13 -3.53
CA LEU B 24 3.11 20.77 -4.84
C LEU B 24 3.83 19.78 -5.75
N GLU B 25 4.61 18.92 -5.17
CA GLU B 25 5.38 17.94 -5.96
C GLU B 25 4.45 16.82 -6.41
N ILE B 26 3.45 16.46 -5.61
CA ILE B 26 2.45 15.44 -5.99
C ILE B 26 1.56 16.03 -7.07
N LEU B 27 1.13 17.27 -6.88
CA LEU B 27 0.24 17.92 -7.83
C LEU B 27 0.90 18.08 -9.19
N HIS B 28 2.18 18.40 -9.20
CA HIS B 28 2.90 18.61 -10.48
C HIS B 28 2.96 17.30 -11.26
N VAL B 29 3.05 16.19 -10.55
CA VAL B 29 3.09 14.87 -11.24
C VAL B 29 1.72 14.61 -11.85
N LEU B 30 0.67 14.91 -11.11
CA LEU B 30 -0.71 14.72 -11.61
C LEU B 30 -0.91 15.69 -12.76
N ASP B 31 -0.43 16.91 -12.61
CA ASP B 31 -0.60 17.91 -13.66
C ASP B 31 0.08 17.43 -14.94
N LYS B 32 1.29 16.92 -14.84
CA LYS B 32 2.05 16.56 -16.05
C LYS B 32 1.71 15.17 -16.58
N GLU B 33 1.37 14.22 -15.74
CA GLU B 33 1.21 12.84 -16.22
C GLU B 33 -0.19 12.27 -16.05
N PHE B 34 -1.06 12.89 -15.29
CA PHE B 34 -2.39 12.28 -15.18
C PHE B 34 -3.25 12.74 -16.35
N VAL B 35 -3.96 11.82 -16.97
CA VAL B 35 -4.90 12.15 -18.06
C VAL B 35 -6.28 11.82 -17.51
N PRO B 36 -7.18 12.79 -17.33
CA PRO B 36 -8.46 12.50 -16.75
C PRO B 36 -9.46 11.74 -17.64
N THR B 37 -10.18 10.82 -17.06
CA THR B 37 -11.24 10.07 -17.74
C THR B 37 -12.38 9.95 -16.73
N GLU B 38 -13.60 9.74 -17.20
CA GLU B 38 -14.71 9.61 -16.23
C GLU B 38 -14.43 8.43 -15.32
N LYS B 39 -13.90 7.35 -15.86
CA LYS B 39 -13.59 6.15 -15.07
C LYS B 39 -12.54 6.48 -14.01
N LEU B 40 -11.44 7.10 -14.36
CA LEU B 40 -10.42 7.42 -13.37
C LEU B 40 -10.92 8.42 -12.35
N LEU B 41 -11.66 9.45 -12.79
CA LEU B 41 -12.17 10.44 -11.86
C LEU B 41 -13.21 9.83 -10.92
N ARG B 42 -14.00 8.87 -11.41
CA ARG B 42 -15.00 8.24 -10.56
C ARG B 42 -14.36 7.26 -9.57
N GLU B 43 -13.42 6.43 -10.05
CA GLU B 43 -12.90 5.34 -9.23
C GLU B 43 -11.86 5.82 -8.22
N THR B 44 -11.09 6.86 -8.54
CA THR B 44 -10.02 7.30 -7.64
C THR B 44 -10.35 8.58 -6.88
N LYS B 45 -11.37 9.33 -7.30
CA LYS B 45 -11.77 10.58 -6.65
C LYS B 45 -10.65 11.61 -6.62
N VAL B 46 -9.74 11.54 -7.59
CA VAL B 46 -8.61 12.46 -7.59
C VAL B 46 -9.08 13.90 -7.82
N GLY B 47 -10.12 14.07 -8.64
CA GLY B 47 -10.70 15.40 -8.81
C GLY B 47 -11.16 16.00 -7.49
N VAL B 48 -11.86 15.19 -6.69
CA VAL B 48 -12.34 15.66 -5.39
C VAL B 48 -11.17 15.97 -4.46
N GLU B 49 -10.16 15.09 -4.43
CA GLU B 49 -9.04 15.28 -3.52
C GLU B 49 -8.22 16.51 -3.89
N VAL B 50 -7.91 16.67 -5.18
CA VAL B 50 -7.15 17.84 -5.61
C VAL B 50 -7.94 19.11 -5.35
N ASN B 51 -9.26 19.05 -5.54
CA ASN B 51 -10.11 20.22 -5.35
C ASN B 51 -10.10 20.69 -3.89
N LYS B 52 -9.86 19.79 -2.94
CA LYS B 52 -9.80 20.19 -1.54
C LYS B 52 -8.68 21.18 -1.26
N PHE B 53 -7.70 21.29 -2.14
CA PHE B 53 -6.58 22.20 -1.96
C PHE B 53 -6.78 23.55 -2.66
N LYS B 54 -7.95 23.80 -3.26
CA LYS B 54 -8.16 25.09 -3.90
C LYS B 54 -8.27 26.22 -2.87
N LYS B 55 -8.61 25.91 -1.63
CA LYS B 55 -8.74 26.93 -0.56
C LYS B 55 -7.42 27.09 0.18
N SER B 56 -6.31 26.66 -0.42
CA SER B 56 -5.03 26.71 0.27
C SER B 56 -4.55 28.15 0.46
N THR B 57 -3.92 28.41 1.61
CA THR B 57 -3.30 29.70 1.82
C THR B 57 -2.04 29.87 0.98
N ASN B 58 -1.44 28.77 0.54
CA ASN B 58 -0.29 28.83 -0.34
C ASN B 58 -0.77 29.20 -1.76
N VAL B 59 -0.29 30.33 -2.26
CA VAL B 59 -0.77 30.84 -3.55
C VAL B 59 -0.40 29.88 -4.68
N GLU B 60 0.80 29.29 -4.61
CA GLU B 60 1.24 28.42 -5.70
C GLU B 60 0.39 27.15 -5.77
N ILE B 61 0.03 26.58 -4.62
CA ILE B 61 -0.84 25.41 -4.62
C ILE B 61 -2.23 25.75 -5.15
N SER B 62 -2.81 26.85 -4.66
CA SER B 62 -4.17 27.19 -5.03
C SER B 62 -4.29 27.56 -6.50
N LYS B 63 -3.26 28.19 -7.07
CA LYS B 63 -3.27 28.50 -8.49
C LYS B 63 -3.09 27.24 -9.32
N LEU B 64 -2.25 26.31 -8.85
CA LEU B 64 -2.06 25.06 -9.57
C LEU B 64 -3.32 24.22 -9.54
N VAL B 65 -4.02 24.18 -8.40
CA VAL B 65 -5.24 23.40 -8.28
C VAL B 65 -6.32 23.95 -9.22
N LYS B 66 -6.46 25.26 -9.27
CA LYS B 66 -7.50 25.86 -10.10
C LYS B 66 -7.26 25.58 -11.58
N LYS B 67 -6.01 25.56 -12.00
CA LYS B 67 -5.70 25.27 -13.41
C LYS B 67 -5.93 23.80 -13.71
N MET B 68 -5.55 22.92 -12.80
CA MET B 68 -5.73 21.50 -13.04
C MET B 68 -7.21 21.14 -13.09
N ILE B 69 -7.99 21.64 -12.14
CA ILE B 69 -9.40 21.32 -12.07
C ILE B 69 -10.14 21.85 -13.29
N SER B 70 -9.79 23.07 -13.73
CA SER B 70 -10.42 23.64 -14.91
C SER B 70 -10.21 22.77 -16.14
N SER B 71 -9.01 22.20 -16.30
CA SER B 71 -8.69 21.45 -17.50
C SER B 71 -9.17 20.00 -17.41
N TRP B 72 -9.27 19.47 -16.19
CA TRP B 72 -9.90 18.16 -16.02
C TRP B 72 -11.41 18.25 -16.28
N LYS B 73 -12.07 19.32 -15.85
CA LYS B 73 -13.49 19.50 -16.16
C LYS B 73 -13.72 19.61 -17.66
N ALA B 74 -12.91 20.41 -18.36
CA ALA B 74 -13.11 20.57 -19.80
C ALA B 74 -12.89 19.25 -20.54
N GLN B 75 -11.85 18.49 -20.16
CA GLN B 75 -11.60 17.21 -20.82
C GLN B 75 -12.72 16.21 -20.53
N LEU B 76 -13.25 16.23 -19.30
CA LEU B 76 -14.36 15.34 -18.97
C LEU B 76 -15.60 15.69 -19.79
N ASN B 77 -15.84 16.99 -20.01
CA ASN B 77 -16.93 17.42 -20.88
C ASN B 77 -16.73 16.87 -22.29
N LEU B 78 -15.51 17.00 -22.81
CA LEU B 78 -15.20 16.50 -24.15
C LEU B 78 -15.47 15.02 -24.26
N GLU B 79 -15.06 14.24 -23.26
CA GLU B 79 -15.30 12.80 -23.29
C GLU B 79 -16.79 12.48 -23.25
N ASN B 80 -17.56 13.24 -22.47
CA ASN B 80 -18.98 12.93 -22.35
C ASN B 80 -19.74 13.28 -23.61
N LEU B 81 -19.30 14.33 -24.32
CA LEU B 81 -19.98 14.77 -25.53
C LEU B 81 -19.70 13.84 -26.72
N TYR B 82 -18.45 13.39 -26.87
CA TYR B 82 -18.01 12.76 -28.11
C TYR B 82 -17.58 11.30 -27.97
N PHE B 83 -17.51 10.76 -26.75
CA PHE B 83 -16.99 9.41 -26.60
C PHE B 83 -17.78 8.50 -25.66
N GLN B 84 -18.85 8.97 -25.04
CA GLN B 84 -19.60 8.11 -24.11
C GLN B 84 -21.04 7.93 -24.57
N MET C 1 7.73 -11.26 16.88
CA MET C 1 7.85 -11.39 15.43
C MET C 1 8.99 -12.32 15.03
N ASP C 2 8.68 -13.31 14.19
CA ASP C 2 9.66 -14.29 13.76
C ASP C 2 10.26 -13.89 12.42
N SER C 3 11.32 -14.60 12.03
CA SER C 3 12.12 -14.19 10.88
C SER C 3 11.29 -14.17 9.59
N LYS C 4 10.41 -15.15 9.41
CA LYS C 4 9.61 -15.22 8.19
C LYS C 4 8.70 -14.02 8.05
N GLU C 5 8.06 -13.60 9.15
CA GLU C 5 7.17 -12.44 9.06
C GLU C 5 7.95 -11.16 8.78
N VAL C 6 9.16 -11.03 9.33
CA VAL C 6 9.98 -9.86 9.05
C VAL C 6 10.26 -9.75 7.56
N LEU C 7 10.60 -10.87 6.91
CA LEU C 7 10.92 -10.84 5.49
C LEU C 7 9.71 -10.48 4.65
N VAL C 8 8.50 -10.79 5.12
CA VAL C 8 7.29 -10.37 4.42
C VAL C 8 7.12 -8.86 4.51
N HIS C 9 7.24 -8.31 5.72
CA HIS C 9 7.16 -6.86 5.88
C HIS C 9 8.25 -6.17 5.10
N VAL C 10 9.44 -6.77 5.05
CA VAL C 10 10.55 -6.15 4.34
C VAL C 10 10.24 -6.04 2.85
N LYS C 11 9.74 -7.12 2.27
CA LYS C 11 9.45 -7.14 0.82
C LYS C 11 8.26 -6.22 0.54
N ASN C 12 7.35 -6.13 1.46
CA ASN C 12 6.20 -5.26 1.31
C ASN C 12 6.62 -3.79 1.34
N LEU C 13 7.70 -3.48 2.06
CA LEU C 13 8.24 -2.13 2.03
C LEU C 13 8.66 -1.75 0.63
N GLU C 14 9.35 -2.66 -0.06
CA GLU C 14 9.77 -2.42 -1.43
C GLU C 14 8.58 -2.22 -2.35
N LYS C 15 7.52 -3.01 -2.16
CA LYS C 15 6.40 -3.01 -3.09
C LYS C 15 5.48 -1.79 -2.90
N ASN C 16 5.57 -1.10 -1.75
CA ASN C 16 4.72 0.04 -1.45
C ASN C 16 5.52 1.28 -1.09
N LYS C 17 6.81 1.34 -1.47
CA LYS C 17 7.68 2.41 -1.01
C LYS C 17 7.14 3.79 -1.37
N SER C 18 6.47 3.92 -2.52
CA SER C 18 5.93 5.20 -2.95
C SER C 18 4.63 5.58 -2.23
N ASN C 19 4.11 4.69 -1.38
CA ASN C 19 2.81 4.86 -0.72
C ASN C 19 3.07 5.16 0.75
N ASP C 20 3.04 6.45 1.10
CA ASP C 20 3.44 6.89 2.44
C ASP C 20 2.61 6.22 3.53
N ALA C 21 1.28 6.19 3.36
CA ALA C 21 0.43 5.56 4.37
C ALA C 21 0.76 4.08 4.52
N ALA C 22 1.03 3.39 3.40
CA ALA C 22 1.38 1.98 3.46
C ALA C 22 2.73 1.78 4.14
N VAL C 23 3.71 2.63 3.83
CA VAL C 23 5.03 2.52 4.46
C VAL C 23 4.92 2.78 5.96
N LEU C 24 4.16 3.80 6.35
CA LEU C 24 3.95 4.08 7.77
C LEU C 24 3.28 2.91 8.47
N GLU C 25 2.40 2.20 7.76
CA GLU C 25 1.71 1.08 8.37
C GLU C 25 2.68 -0.08 8.62
N ILE C 26 3.57 -0.34 7.67
CA ILE C 26 4.59 -1.36 7.87
C ILE C 26 5.56 -0.96 8.96
N LEU C 27 6.03 0.28 8.95
CA LEU C 27 7.00 0.72 9.95
C LEU C 27 6.43 0.66 11.37
N HIS C 28 5.14 1.02 11.52
CA HIS C 28 4.54 0.97 12.85
C HIS C 28 4.43 -0.47 13.37
N VAL C 29 4.18 -1.44 12.50
CA VAL C 29 4.15 -2.84 12.94
C VAL C 29 5.53 -3.29 13.36
N LEU C 30 6.56 -2.94 12.58
CA LEU C 30 7.93 -3.31 12.94
C LEU C 30 8.35 -2.63 14.24
N ASP C 31 7.95 -1.37 14.42
CA ASP C 31 8.34 -0.64 15.62
C ASP C 31 7.76 -1.26 16.88
N LYS C 32 6.49 -1.67 16.83
CA LYS C 32 5.78 -2.13 18.01
C LYS C 32 5.98 -3.62 18.29
N GLU C 33 6.20 -4.44 17.26
CA GLU C 33 6.16 -5.88 17.43
C GLU C 33 7.46 -6.59 17.07
N PHE C 34 8.40 -5.92 16.43
CA PHE C 34 9.69 -6.53 16.11
C PHE C 34 10.69 -6.22 17.23
N VAL C 35 11.33 -7.26 17.75
CA VAL C 35 12.40 -7.12 18.74
C VAL C 35 13.72 -7.35 17.99
N PRO C 36 14.59 -6.34 17.89
CA PRO C 36 15.82 -6.54 17.13
C PRO C 36 16.77 -7.47 17.89
N THR C 37 17.24 -8.49 17.20
CA THR C 37 18.33 -9.31 17.68
C THR C 37 19.36 -9.35 16.56
N GLU C 38 20.61 -9.61 16.93
CA GLU C 38 21.65 -9.71 15.92
C GLU C 38 21.30 -10.78 14.89
N LYS C 39 20.71 -11.89 15.35
CA LYS C 39 20.33 -12.95 14.44
C LYS C 39 19.25 -12.49 13.47
N LEU C 40 18.20 -11.85 13.98
CA LEU C 40 17.14 -11.35 13.11
C LEU C 40 17.65 -10.26 12.18
N LEU C 41 18.47 -9.35 12.71
CA LEU C 41 19.02 -8.28 11.87
C LEU C 41 19.95 -8.84 10.81
N ARG C 42 20.69 -9.92 11.13
CA ARG C 42 21.57 -10.53 10.15
C ARG C 42 20.78 -11.32 9.11
N GLU C 43 19.77 -12.07 9.55
CA GLU C 43 19.06 -12.96 8.63
C GLU C 43 18.08 -12.23 7.74
N THR C 44 17.46 -11.16 8.24
CA THR C 44 16.41 -10.48 7.50
C THR C 44 16.84 -9.15 6.88
N LYS C 45 17.92 -8.55 7.38
CA LYS C 45 18.42 -7.28 6.87
C LYS C 45 17.37 -6.17 6.95
N VAL C 46 16.45 -6.27 7.92
CA VAL C 46 15.41 -5.26 8.06
C VAL C 46 16.00 -3.92 8.45
N GLY C 47 17.08 -3.93 9.23
CA GLY C 47 17.76 -2.68 9.57
C GLY C 47 18.18 -1.90 8.35
N VAL C 48 18.77 -2.58 7.37
CA VAL C 48 19.18 -1.92 6.13
C VAL C 48 17.97 -1.41 5.37
N GLU C 49 16.92 -2.22 5.27
CA GLU C 49 15.75 -1.83 4.48
C GLU C 49 15.02 -0.64 5.10
N VAL C 50 14.80 -0.67 6.42
CA VAL C 50 14.12 0.44 7.08
C VAL C 50 14.96 1.71 6.96
N ASN C 51 16.29 1.57 7.06
CA ASN C 51 17.19 2.72 7.01
C ASN C 51 17.11 3.44 5.67
N LYS C 52 16.74 2.74 4.59
CA LYS C 52 16.64 3.38 3.29
C LYS C 52 15.56 4.46 3.24
N PHE C 53 14.64 4.48 4.19
CA PHE C 53 13.59 5.48 4.25
C PHE C 53 13.96 6.68 5.12
N LYS C 54 15.23 6.79 5.55
CA LYS C 54 15.63 7.92 6.38
C LYS C 54 15.60 9.24 5.63
N LYS C 55 15.81 9.22 4.31
CA LYS C 55 15.79 10.42 3.50
C LYS C 55 14.40 10.76 2.97
N SER C 56 13.36 10.17 3.54
CA SER C 56 12.03 10.33 2.98
C SER C 56 11.56 11.77 3.10
N THR C 57 10.88 12.24 2.05
CA THR C 57 10.31 13.58 2.08
C THR C 57 9.12 13.68 3.02
N ASN C 58 8.50 12.55 3.37
CA ASN C 58 7.41 12.54 4.33
C ASN C 58 7.98 12.71 5.73
N VAL C 59 7.49 13.74 6.43
CA VAL C 59 8.05 14.10 7.74
C VAL C 59 7.85 12.97 8.75
N GLU C 60 6.68 12.35 8.75
CA GLU C 60 6.39 11.32 9.74
C GLU C 60 7.25 10.08 9.54
N ILE C 61 7.46 9.67 8.28
CA ILE C 61 8.31 8.51 8.01
C ILE C 61 9.74 8.81 8.42
N SER C 62 10.24 10.00 8.09
CA SER C 62 11.65 10.32 8.33
C SER C 62 11.96 10.40 9.82
N LYS C 63 11.02 10.90 10.63
CA LYS C 63 11.26 10.94 12.07
C LYS C 63 11.12 9.57 12.69
N LEU C 64 10.15 8.78 12.24
CA LEU C 64 9.95 7.44 12.79
C LEU C 64 11.13 6.53 12.45
N VAL C 65 11.65 6.62 11.23
CA VAL C 65 12.79 5.79 10.85
C VAL C 65 14.01 6.12 11.71
N LYS C 66 14.25 7.41 11.96
CA LYS C 66 15.39 7.80 12.77
C LYS C 66 15.25 7.27 14.19
N LYS C 67 14.03 7.26 14.72
CA LYS C 67 13.80 6.74 16.06
C LYS C 67 13.92 5.21 16.08
N MET C 68 13.42 4.54 15.05
CA MET C 68 13.50 3.08 15.00
C MET C 68 14.94 2.61 14.86
N ILE C 69 15.69 3.21 13.94
CA ILE C 69 17.06 2.79 13.70
C ILE C 69 17.92 3.06 14.93
N SER C 70 17.69 4.21 15.58
CA SER C 70 18.44 4.54 16.80
C SER C 70 18.19 3.54 17.91
N SER C 71 16.93 3.09 18.06
CA SER C 71 16.61 2.21 19.18
C SER C 71 16.96 0.76 18.89
N TRP C 72 16.99 0.37 17.62
CA TRP C 72 17.51 -0.94 17.26
C TRP C 72 19.02 -1.01 17.45
N LYS C 73 19.73 0.05 17.14
CA LYS C 73 21.19 0.05 17.35
C LYS C 73 21.50 -0.03 18.85
N ALA C 74 20.81 0.74 19.66
CA ALA C 74 21.06 0.76 21.12
C ALA C 74 20.75 -0.60 21.73
N GLN C 75 19.68 -1.21 21.30
CA GLN C 75 19.23 -2.52 21.79
C GLN C 75 20.25 -3.58 21.40
N LEU C 76 20.81 -3.50 20.21
CA LEU C 76 21.81 -4.46 19.70
C LEU C 76 23.12 -4.31 20.46
N ASN C 77 23.49 -3.09 20.83
CA ASN C 77 24.66 -2.80 21.67
C ASN C 77 24.46 -3.44 23.03
N LEU C 78 23.27 -3.31 23.59
CA LEU C 78 22.93 -3.88 24.91
C LEU C 78 22.95 -5.40 24.82
N GLU C 79 22.48 -5.96 23.73
CA GLU C 79 22.52 -7.41 23.63
C GLU C 79 23.94 -7.94 23.61
N ASN C 80 24.84 -7.27 22.89
CA ASN C 80 26.20 -7.78 22.77
C ASN C 80 27.00 -7.51 24.04
N LEU C 81 26.69 -6.43 24.76
CA LEU C 81 27.44 -6.12 25.98
C LEU C 81 27.06 -7.06 27.13
N TYR C 82 25.77 -7.36 27.28
CA TYR C 82 25.26 -7.99 28.48
C TYR C 82 24.66 -9.38 28.26
N PHE C 83 24.52 -9.83 27.01
CA PHE C 83 23.87 -11.11 26.74
C PHE C 83 24.57 -11.94 25.67
N GLN C 84 25.67 -11.46 25.08
CA GLN C 84 26.36 -12.14 23.98
C GLN C 84 25.45 -12.27 22.76
#